data_4DDH
#
_entry.id   4DDH
#
_cell.length_a   48.580
_cell.length_b   70.930
_cell.length_c   82.010
_cell.angle_alpha   90.00
_cell.angle_beta   99.40
_cell.angle_gamma   90.00
#
_symmetry.space_group_name_H-M   'P 1 21 1'
#
loop_
_entity.id
_entity.type
_entity.pdbx_description
1 polymer 'Pantothenate synthetase'
2 non-polymer ETHANOL
3 non-polymer '(6-methoxy-1-benzofuran-3-yl)acetic acid'
4 non-polymer 1,2-ETHANEDIOL
5 non-polymer GLYCEROL
6 water water
#
_entity_poly.entity_id   1
_entity_poly.type   'polypeptide(L)'
_entity_poly.pdbx_seq_one_letter_code
;MAIPAFHPGELNVYSAPGDVADVSRALRLTGRRVMLVPTMGALHEGHLALVRAAKRVPGSVVVVSIFVNPMQFGAGGDLD
AYPRTPDDDLAQLRAEGVEIAFTPTTAAMYPDGLRTTVQPGPLAAELEGGPRPTHFAGVLTVVLKLLQIVRPDRVFFGEK
DYQQLVLIRQLVADFNLDVAVVGVPTVREADGLAMSSRNRYLDPAQRAAAVALSAALTAAAHAATAGAQAALDAARAVLD
AAPGVAVDYLELRDIGLGPMPLNGSGRLLVAARLGTTRLLDNIAIEIGTFAGTDRPDGYRA
;
_entity_poly.pdbx_strand_id   A,B
#
# COMPACT_ATOMS: atom_id res chain seq x y z
N ILE A 3 -21.48 -1.88 14.89
CA ILE A 3 -20.35 -1.22 15.61
C ILE A 3 -20.31 -1.58 17.12
N PRO A 4 -19.10 -1.69 17.71
CA PRO A 4 -19.05 -1.90 19.17
C PRO A 4 -19.52 -0.64 19.90
N ALA A 5 -19.49 -0.64 21.23
CA ALA A 5 -19.83 0.59 21.99
C ALA A 5 -18.95 1.76 21.60
N PHE A 6 -19.61 2.89 21.30
CA PHE A 6 -18.96 4.20 21.28
C PHE A 6 -19.62 5.19 22.23
N HIS A 7 -18.89 5.60 23.27
CA HIS A 7 -19.39 6.61 24.21
C HIS A 7 -18.77 8.00 23.92
N PRO A 8 -19.56 8.93 23.32
CA PRO A 8 -19.04 10.27 23.06
C PRO A 8 -18.55 11.01 24.31
N GLY A 9 -17.52 11.82 24.14
CA GLY A 9 -17.00 12.64 25.24
C GLY A 9 -16.16 11.87 26.26
N GLU A 10 -16.00 10.57 26.03
CA GLU A 10 -15.13 9.73 26.84
C GLU A 10 -14.02 9.06 25.97
N LEU A 11 -12.96 8.61 26.63
CA LEU A 11 -11.93 7.78 25.98
C LEU A 11 -12.43 6.33 25.73
N ASN A 12 -12.61 5.96 24.47
CA ASN A 12 -12.93 4.57 24.10
C ASN A 12 -11.68 3.91 23.59
N VAL A 13 -11.35 2.77 24.19
CA VAL A 13 -10.15 2.03 23.81
C VAL A 13 -10.54 0.78 22.99
N TYR A 14 -9.99 0.67 21.77
CA TYR A 14 -10.17 -0.54 20.92
C TYR A 14 -8.85 -1.21 20.56
N SER A 15 -8.77 -2.52 20.80
N SER A 15 -8.76 -2.51 20.86
CA SER A 15 -7.58 -3.28 20.39
CA SER A 15 -7.61 -3.28 20.43
C SER A 15 -7.76 -4.11 19.11
C SER A 15 -7.80 -3.87 19.03
N ALA A 16 -8.99 -4.39 18.74
CA ALA A 16 -9.29 -5.03 17.42
C ALA A 16 -9.33 -4.07 16.22
N PRO A 17 -8.59 -4.37 15.13
CA PRO A 17 -8.75 -3.49 13.92
C PRO A 17 -10.13 -3.36 13.40
N GLY A 18 -10.84 -4.49 13.32
CA GLY A 18 -12.27 -4.44 12.91
C GLY A 18 -13.14 -3.49 13.73
N ASP A 19 -12.85 -3.40 15.04
CA ASP A 19 -13.67 -2.63 15.97
C ASP A 19 -13.46 -1.13 15.66
N VAL A 20 -12.21 -0.66 15.63
N VAL A 20 -12.21 -0.67 15.64
CA VAL A 20 -11.96 0.77 15.35
CA VAL A 20 -11.92 0.73 15.34
C VAL A 20 -12.40 1.14 13.94
C VAL A 20 -12.42 1.11 13.96
N ALA A 21 -12.33 0.15 13.02
CA ALA A 21 -12.71 0.37 11.63
C ALA A 21 -14.22 0.56 11.54
N ASP A 22 -14.92 -0.20 12.37
CA ASP A 22 -16.36 -0.18 12.33
C ASP A 22 -16.85 1.14 12.93
N VAL A 23 -16.21 1.54 14.02
CA VAL A 23 -16.57 2.74 14.71
C VAL A 23 -16.16 3.97 13.87
N SER A 24 -14.99 3.89 13.25
CA SER A 24 -14.51 4.98 12.39
C SER A 24 -15.53 5.33 11.34
N ARG A 25 -16.03 4.29 10.69
CA ARG A 25 -16.85 4.43 9.51
C ARG A 25 -18.24 4.89 9.93
N ALA A 26 -18.72 4.38 11.07
CA ALA A 26 -20.05 4.80 11.55
C ALA A 26 -19.94 6.27 11.83
N LEU A 27 -18.91 6.70 12.54
CA LEU A 27 -18.73 8.13 12.81
C LEU A 27 -18.69 8.98 11.53
N ARG A 28 -18.00 8.47 10.52
CA ARG A 28 -17.78 9.32 9.37
C ARG A 28 -19.11 9.49 8.64
N LEU A 29 -19.85 8.37 8.56
CA LEU A 29 -21.23 8.33 8.07
C LEU A 29 -22.18 9.26 8.81
N THR A 30 -21.89 9.66 10.05
CA THR A 30 -22.79 10.58 10.74
C THR A 30 -22.44 12.03 10.55
N GLY A 31 -21.42 12.29 9.71
CA GLY A 31 -20.91 13.66 9.48
C GLY A 31 -19.53 14.03 10.06
N ARG A 32 -19.11 13.39 11.14
CA ARG A 32 -17.90 13.79 11.86
C ARG A 32 -16.70 13.54 10.98
N ARG A 33 -15.70 14.39 11.08
CA ARG A 33 -14.45 14.13 10.39
C ARG A 33 -13.41 13.39 11.24
N VAL A 34 -12.80 12.37 10.66
CA VAL A 34 -11.92 11.50 11.41
C VAL A 34 -10.44 11.95 11.35
N MET A 35 -9.90 12.21 12.53
CA MET A 35 -8.51 12.60 12.59
C MET A 35 -7.66 11.46 13.14
N LEU A 36 -6.57 11.15 12.45
CA LEU A 36 -5.67 10.11 12.93
C LEU A 36 -4.31 10.66 13.43
N VAL A 37 -3.99 10.34 14.67
CA VAL A 37 -2.68 10.63 15.18
C VAL A 37 -1.92 9.30 15.45
N PRO A 38 -1.06 8.88 14.52
CA PRO A 38 -0.41 7.56 14.69
C PRO A 38 0.77 7.75 15.57
N THR A 39 0.89 6.93 16.60
CA THR A 39 2.08 7.07 17.47
C THR A 39 2.63 5.69 17.90
N MET A 40 3.80 5.73 18.52
CA MET A 40 4.42 4.58 19.15
C MET A 40 4.34 4.65 20.69
N GLY A 41 3.35 5.37 21.18
CA GLY A 41 3.19 5.60 22.68
C GLY A 41 4.40 6.38 23.25
N ALA A 42 4.58 6.26 24.57
CA ALA A 42 5.50 7.11 25.33
C ALA A 42 5.22 8.57 25.01
N LEU A 43 3.99 9.00 25.27
CA LEU A 43 3.46 10.23 24.81
C LEU A 43 4.04 11.45 25.55
N HIS A 44 4.55 12.43 24.81
CA HIS A 44 5.10 13.62 25.43
C HIS A 44 4.34 14.80 24.82
N GLU A 45 4.80 15.99 25.18
CA GLU A 45 4.18 17.21 24.72
C GLU A 45 4.09 17.39 23.18
N GLY A 46 5.07 16.89 22.43
CA GLY A 46 4.95 16.95 20.95
C GLY A 46 3.77 16.13 20.43
N HIS A 47 3.55 14.92 20.99
CA HIS A 47 2.37 14.18 20.64
C HIS A 47 1.14 14.97 21.00
N LEU A 48 1.19 15.74 22.09
CA LEU A 48 -0.05 16.49 22.44
C LEU A 48 -0.30 17.63 21.49
N ALA A 49 0.74 18.12 20.84
CA ALA A 49 0.51 19.18 19.85
C ALA A 49 -0.20 18.59 18.66
N LEU A 50 0.16 17.35 18.31
CA LEU A 50 -0.55 16.66 17.24
C LEU A 50 -2.03 16.54 17.56
N VAL A 51 -2.34 16.06 18.77
CA VAL A 51 -3.69 15.82 19.21
C VAL A 51 -4.44 17.15 19.15
N ARG A 52 -3.81 18.20 19.67
CA ARG A 52 -4.45 19.52 19.69
C ARG A 52 -4.75 20.05 18.31
N ALA A 53 -3.81 19.88 17.37
CA ALA A 53 -4.08 20.27 15.98
C ALA A 53 -5.23 19.46 15.39
N ALA A 54 -5.29 18.19 15.75
CA ALA A 54 -6.41 17.37 15.28
C ALA A 54 -7.72 17.90 15.87
N LYS A 55 -7.71 18.24 17.18
CA LYS A 55 -8.96 18.68 17.83
C LYS A 55 -9.45 19.99 17.27
N ARG A 56 -8.58 20.83 16.77
CA ARG A 56 -9.06 22.12 16.32
C ARG A 56 -9.68 22.03 14.93
N VAL A 57 -9.62 20.86 14.30
CA VAL A 57 -10.31 20.66 13.02
C VAL A 57 -11.77 20.39 13.38
N PRO A 58 -12.71 21.26 12.90
CA PRO A 58 -14.10 21.24 13.46
C PRO A 58 -14.95 20.02 13.13
N GLY A 59 -15.71 19.57 14.14
CA GLY A 59 -16.57 18.41 14.02
C GLY A 59 -15.79 17.11 13.92
N SER A 60 -14.49 17.19 14.26
CA SER A 60 -13.64 16.04 14.19
C SER A 60 -13.86 15.10 15.35
N VAL A 61 -13.58 13.82 15.11
CA VAL A 61 -13.31 12.90 16.20
C VAL A 61 -11.79 12.47 16.07
N VAL A 62 -11.05 12.40 17.19
CA VAL A 62 -9.59 12.14 17.11
C VAL A 62 -9.40 10.69 17.48
N VAL A 63 -8.72 9.95 16.58
CA VAL A 63 -8.23 8.62 16.83
C VAL A 63 -6.76 8.73 17.04
N VAL A 64 -6.29 8.33 18.21
CA VAL A 64 -4.86 8.13 18.45
C VAL A 64 -4.42 6.66 18.45
N SER A 65 -3.57 6.24 17.54
CA SER A 65 -3.06 4.86 17.67
C SER A 65 -1.74 4.79 18.44
N ILE A 66 -1.61 3.72 19.19
CA ILE A 66 -0.41 3.46 19.93
C ILE A 66 0.05 2.08 19.56
N PHE A 67 1.18 1.97 18.91
CA PHE A 67 1.59 0.64 18.45
C PHE A 67 3.06 0.71 18.21
N VAL A 68 3.82 -0.14 18.90
CA VAL A 68 5.26 -0.16 18.74
C VAL A 68 5.43 -1.16 17.57
N ASN A 69 5.74 -0.60 16.43
CA ASN A 69 5.71 -1.39 15.20
C ASN A 69 6.98 -2.19 15.11
N PRO A 70 6.94 -3.54 15.29
CA PRO A 70 8.28 -4.17 15.21
C PRO A 70 8.95 -4.10 13.83
N MET A 71 8.23 -3.81 12.77
CA MET A 71 8.87 -3.82 11.44
C MET A 71 9.92 -2.70 11.15
N GLN A 72 9.80 -1.53 11.81
CA GLN A 72 10.69 -0.38 11.58
C GLN A 72 11.96 -0.41 12.47
N PHE A 73 12.11 -1.51 13.22
CA PHE A 73 13.22 -1.72 14.13
C PHE A 73 14.24 -2.68 13.58
N GLY A 74 15.48 -2.21 13.48
CA GLY A 74 16.58 -3.12 13.06
C GLY A 74 16.79 -4.09 14.20
N ALA A 75 17.20 -5.31 13.90
CA ALA A 75 17.23 -6.38 14.93
C ALA A 75 18.17 -6.08 16.13
N GLY A 76 18.27 -7.04 17.04
CA GLY A 76 18.93 -6.85 18.33
C GLY A 76 18.55 -5.63 19.19
N GLY A 77 17.56 -5.77 20.07
CA GLY A 77 17.49 -4.91 21.27
C GLY A 77 16.86 -3.52 21.28
N ASP A 78 17.00 -2.78 20.18
CA ASP A 78 16.25 -1.51 19.95
C ASP A 78 14.74 -1.58 20.24
N LEU A 79 14.11 -2.62 19.69
CA LEU A 79 12.69 -2.87 19.91
C LEU A 79 12.33 -3.10 21.41
N ASP A 80 13.09 -3.95 22.10
CA ASP A 80 12.80 -4.31 23.51
C ASP A 80 13.11 -3.14 24.44
N ALA A 81 14.13 -2.36 24.03
CA ALA A 81 14.59 -1.09 24.64
C ALA A 81 13.63 0.09 24.47
N TYR A 82 12.69 0.01 23.50
CA TYR A 82 11.73 1.12 23.31
C TYR A 82 10.88 1.43 24.56
N PRO A 83 10.77 2.74 24.97
CA PRO A 83 9.94 3.07 26.20
C PRO A 83 8.48 2.73 26.01
N ARG A 84 7.87 2.07 27.01
CA ARG A 84 6.45 1.77 26.95
C ARG A 84 5.75 2.19 28.23
N THR A 85 4.79 3.11 28.12
CA THR A 85 4.05 3.61 29.30
C THR A 85 2.57 3.78 29.01
N PRO A 86 1.84 2.67 28.71
CA PRO A 86 0.45 2.82 28.28
C PRO A 86 -0.40 3.44 29.37
N ASP A 87 0.07 3.37 30.63
CA ASP A 87 -0.66 3.97 31.78
C ASP A 87 -0.69 5.53 31.70
N ASP A 88 0.49 6.18 31.76
CA ASP A 88 0.60 7.60 31.41
C ASP A 88 -0.09 7.89 30.06
N ASP A 89 0.21 7.08 29.01
CA ASP A 89 -0.24 7.44 27.67
C ASP A 89 -1.73 7.68 27.66
N LEU A 90 -2.49 6.69 28.15
CA LEU A 90 -3.95 6.76 28.22
C LEU A 90 -4.48 7.92 29.12
N ALA A 91 -3.73 8.24 30.16
CA ALA A 91 -4.09 9.35 31.10
C ALA A 91 -3.95 10.68 30.41
N GLN A 92 -2.91 10.85 29.61
CA GLN A 92 -2.85 12.06 28.81
C GLN A 92 -3.94 12.24 27.78
N LEU A 93 -4.30 11.12 27.11
CA LEU A 93 -5.35 11.16 26.08
C LEU A 93 -6.71 11.58 26.65
N ARG A 94 -7.10 10.97 27.77
CA ARG A 94 -8.31 11.42 28.54
C ARG A 94 -8.26 12.92 28.86
N ALA A 95 -7.15 13.34 29.46
CA ALA A 95 -6.93 14.73 29.83
C ALA A 95 -6.95 15.67 28.62
N GLU A 96 -6.69 15.14 27.42
CA GLU A 96 -6.88 15.96 26.21
C GLU A 96 -8.27 15.82 25.59
N GLY A 97 -9.14 14.99 26.14
CA GLY A 97 -10.48 14.87 25.52
C GLY A 97 -10.49 13.99 24.24
N VAL A 98 -9.44 13.18 24.04
CA VAL A 98 -9.42 12.25 22.90
C VAL A 98 -10.46 11.16 23.13
N GLU A 99 -11.35 10.99 22.16
CA GLU A 99 -12.42 10.03 22.23
C GLU A 99 -12.06 8.56 21.88
N ILE A 100 -11.10 8.37 20.98
CA ILE A 100 -10.69 7.01 20.57
C ILE A 100 -9.16 6.80 20.60
N ALA A 101 -8.74 5.76 21.37
CA ALA A 101 -7.39 5.22 21.28
C ALA A 101 -7.50 3.79 20.60
N PHE A 102 -6.62 3.56 19.63
CA PHE A 102 -6.53 2.29 18.96
C PHE A 102 -5.16 1.70 19.36
N THR A 103 -5.20 0.63 20.11
CA THR A 103 -4.03 -0.05 20.63
C THR A 103 -4.05 -1.53 20.14
N PRO A 104 -3.62 -1.80 18.88
CA PRO A 104 -3.58 -3.17 18.35
C PRO A 104 -2.49 -4.10 18.89
N THR A 105 -2.75 -5.40 18.84
CA THR A 105 -1.65 -6.33 19.10
C THR A 105 -0.80 -6.56 17.84
N THR A 106 0.44 -7.05 18.04
CA THR A 106 1.28 -7.42 16.93
C THR A 106 0.62 -8.52 16.05
N ALA A 107 0.02 -9.48 16.75
CA ALA A 107 -0.72 -10.57 16.13
C ALA A 107 -1.85 -10.02 15.26
N ALA A 108 -2.56 -8.99 15.72
CA ALA A 108 -3.68 -8.47 14.92
C ALA A 108 -3.18 -7.70 13.69
N MET A 109 -1.98 -7.12 13.80
CA MET A 109 -1.41 -6.22 12.77
C MET A 109 -0.61 -7.02 11.75
N TYR A 110 -0.04 -8.13 12.21
CA TYR A 110 0.77 -9.05 11.40
C TYR A 110 0.40 -10.53 11.58
N PRO A 111 -0.87 -10.91 11.34
CA PRO A 111 -1.33 -12.29 11.40
C PRO A 111 -0.51 -13.24 10.49
N ASP A 112 0.08 -12.71 9.40
CA ASP A 112 0.84 -13.61 8.50
C ASP A 112 2.36 -13.32 8.53
N GLY A 113 2.77 -12.55 9.53
CA GLY A 113 4.15 -12.05 9.53
C GLY A 113 4.32 -11.06 8.37
N LEU A 114 5.56 -10.87 7.97
CA LEU A 114 5.79 -10.03 6.79
C LEU A 114 5.51 -10.71 5.51
N ARG A 115 4.51 -10.23 4.81
CA ARG A 115 4.21 -10.81 3.49
C ARG A 115 4.22 -9.70 2.43
N THR A 116 3.06 -9.17 2.06
CA THR A 116 3.07 -7.94 1.25
C THR A 116 3.55 -6.74 2.09
N THR A 117 4.45 -5.96 1.53
CA THR A 117 4.98 -4.75 2.16
C THR A 117 5.13 -3.58 1.20
N VAL A 118 5.42 -2.44 1.82
CA VAL A 118 5.63 -1.22 1.06
C VAL A 118 7.10 -1.10 0.80
N GLN A 119 7.45 -0.82 -0.46
CA GLN A 119 8.82 -0.53 -0.73
C GLN A 119 8.95 0.97 -1.06
N PRO A 120 9.65 1.74 -0.17
CA PRO A 120 9.80 3.19 -0.32
C PRO A 120 10.58 3.47 -1.58
N GLY A 121 10.40 4.65 -2.15
CA GLY A 121 11.38 5.12 -3.18
C GLY A 121 12.78 5.31 -2.58
N PRO A 122 13.74 5.79 -3.40
CA PRO A 122 15.18 5.93 -3.15
C PRO A 122 15.47 6.85 -1.97
N LEU A 123 14.55 7.77 -1.64
CA LEU A 123 14.78 8.59 -0.46
C LEU A 123 14.96 7.72 0.84
N ALA A 124 14.36 6.55 0.88
CA ALA A 124 14.46 5.68 2.07
C ALA A 124 15.87 5.11 2.34
N ALA A 125 16.75 5.11 1.32
CA ALA A 125 18.16 4.67 1.56
C ALA A 125 19.18 5.75 1.98
N GLU A 126 18.72 7.02 2.09
CA GLU A 126 19.55 8.22 2.39
C GLU A 126 19.39 8.57 3.88
N LEU A 127 20.38 9.26 4.46
CA LEU A 127 20.19 9.87 5.82
C LEU A 127 19.91 8.82 6.89
N GLU A 128 18.72 8.81 7.51
CA GLU A 128 18.49 7.77 8.54
C GLU A 128 18.49 6.34 7.91
N GLY A 129 18.02 6.22 6.68
CA GLY A 129 17.87 4.93 6.03
C GLY A 129 19.17 4.31 5.54
N GLY A 130 20.26 5.07 5.61
CA GLY A 130 21.58 4.63 5.09
C GLY A 130 22.13 3.31 5.64
N PRO A 131 22.27 3.24 6.99
CA PRO A 131 22.67 2.13 7.80
C PRO A 131 21.48 1.37 8.41
N ARG A 132 20.25 1.75 8.02
CA ARG A 132 18.99 1.20 8.56
C ARG A 132 18.18 0.99 7.33
N PRO A 133 18.66 0.10 6.47
CA PRO A 133 17.99 0.09 5.20
C PRO A 133 16.54 -0.45 5.18
N THR A 134 16.01 -1.04 6.27
CA THR A 134 14.64 -1.56 6.22
C THR A 134 13.69 -0.69 7.04
N HIS A 135 14.30 0.21 7.83
CA HIS A 135 13.57 1.16 8.62
C HIS A 135 12.28 1.77 8.00
N PHE A 136 12.42 2.48 6.86
CA PHE A 136 11.23 3.18 6.31
C PHE A 136 10.20 2.28 5.64
N ALA A 137 10.69 1.18 5.08
CA ALA A 137 9.73 0.14 4.63
C ALA A 137 8.86 -0.23 5.84
N GLY A 138 9.46 -0.35 7.00
CA GLY A 138 8.66 -0.71 8.21
C GLY A 138 7.61 0.37 8.53
N VAL A 139 8.01 1.62 8.36
CA VAL A 139 7.13 2.73 8.73
C VAL A 139 5.98 2.86 7.75
N LEU A 140 6.30 2.85 6.45
CA LEU A 140 5.31 3.01 5.43
C LEU A 140 4.32 1.88 5.47
N THR A 141 4.81 0.68 5.76
CA THR A 141 3.87 -0.44 5.84
C THR A 141 2.90 -0.26 6.99
N VAL A 142 3.36 0.11 8.21
CA VAL A 142 2.28 0.23 9.22
C VAL A 142 1.42 1.48 9.00
N VAL A 143 1.97 2.54 8.40
CA VAL A 143 1.11 3.75 8.27
C VAL A 143 0.00 3.51 7.27
N LEU A 144 0.39 2.93 6.12
CA LEU A 144 -0.63 2.44 5.17
C LEU A 144 -1.68 1.57 5.89
N LYS A 145 -1.24 0.57 6.65
CA LYS A 145 -2.27 -0.31 7.29
C LYS A 145 -3.19 0.51 8.21
N LEU A 146 -2.63 1.38 9.04
CA LEU A 146 -3.42 2.31 9.92
C LEU A 146 -4.35 3.16 9.12
N LEU A 147 -3.88 3.75 8.01
CA LEU A 147 -4.77 4.55 7.20
C LEU A 147 -5.96 3.76 6.63
N GLN A 148 -5.77 2.47 6.34
CA GLN A 148 -6.76 1.64 5.76
C GLN A 148 -7.73 1.17 6.84
N ILE A 149 -7.24 0.95 8.04
CA ILE A 149 -8.13 0.53 9.15
C ILE A 149 -9.07 1.67 9.58
N VAL A 150 -8.42 2.80 9.91
CA VAL A 150 -9.06 4.05 10.39
C VAL A 150 -9.76 4.87 9.24
N ARG A 151 -9.21 4.87 8.02
CA ARG A 151 -9.75 5.73 6.92
C ARG A 151 -10.00 7.19 7.37
N PRO A 152 -8.98 7.86 7.93
CA PRO A 152 -9.31 9.22 8.37
C PRO A 152 -9.26 10.22 7.23
N ASP A 153 -9.81 11.42 7.43
CA ASP A 153 -9.62 12.53 6.48
C ASP A 153 -8.27 13.17 6.58
N ARG A 154 -7.74 13.24 7.79
CA ARG A 154 -6.40 13.79 7.97
C ARG A 154 -5.59 12.98 8.94
N VAL A 155 -4.32 12.94 8.66
CA VAL A 155 -3.37 12.29 9.51
C VAL A 155 -2.23 13.24 9.87
N PHE A 156 -1.82 13.13 11.11
CA PHE A 156 -0.97 14.14 11.72
C PHE A 156 0.41 13.60 12.14
N PHE A 157 1.46 14.26 11.64
CA PHE A 157 2.80 13.89 12.03
C PHE A 157 3.59 15.13 12.46
N GLY A 158 4.52 14.93 13.37
CA GLY A 158 5.50 15.95 13.69
C GLY A 158 6.58 16.18 12.64
N GLU A 159 7.09 17.42 12.56
CA GLU A 159 8.27 17.73 11.70
C GLU A 159 9.60 17.23 12.29
N LYS A 160 9.60 16.81 13.55
CA LYS A 160 10.83 16.36 14.14
C LYS A 160 11.47 15.22 13.28
N ASP A 161 10.66 14.25 12.89
CA ASP A 161 11.11 13.17 12.03
C ASP A 161 10.78 13.55 10.62
N TYR A 162 11.49 14.55 10.16
CA TYR A 162 11.22 15.17 8.89
C TYR A 162 11.29 14.19 7.72
N GLN A 163 12.38 13.43 7.60
CA GLN A 163 12.49 12.41 6.52
C GLN A 163 11.28 11.43 6.47
N GLN A 164 10.78 11.00 7.63
CA GLN A 164 9.57 10.21 7.74
C GLN A 164 8.33 10.92 7.11
N LEU A 165 8.12 12.17 7.50
CA LEU A 165 6.96 12.89 6.99
C LEU A 165 7.02 13.01 5.48
N VAL A 166 8.21 13.31 4.95
CA VAL A 166 8.33 13.46 3.47
C VAL A 166 7.95 12.09 2.74
N LEU A 167 8.43 11.00 3.32
CA LEU A 167 8.22 9.66 2.74
C LEU A 167 6.78 9.28 2.84
N ILE A 168 6.16 9.64 3.94
CA ILE A 168 4.74 9.52 4.07
C ILE A 168 3.94 10.33 3.08
N ARG A 169 4.33 11.56 2.83
CA ARG A 169 3.69 12.31 1.78
C ARG A 169 3.88 11.57 0.46
N GLN A 170 5.04 10.92 0.29
CA GLN A 170 5.29 10.14 -0.93
C GLN A 170 4.38 8.96 -1.07
N LEU A 171 4.16 8.28 0.04
CA LEU A 171 3.26 7.15 0.12
C LEU A 171 1.85 7.54 -0.28
N VAL A 172 1.47 8.68 0.25
CA VAL A 172 0.11 9.13 0.09
C VAL A 172 -0.15 9.53 -1.35
N ALA A 173 0.80 10.26 -1.96
CA ALA A 173 0.65 10.62 -3.40
C ALA A 173 0.76 9.40 -4.31
N ASP A 174 1.75 8.57 -4.04
CA ASP A 174 2.10 7.51 -5.01
C ASP A 174 1.05 6.42 -5.08
N PHE A 175 0.32 6.20 -3.97
CA PHE A 175 -0.71 5.17 -3.91
C PHE A 175 -2.10 5.80 -3.96
N ASN A 176 -2.15 7.12 -4.16
CA ASN A 176 -3.38 7.87 -4.40
C ASN A 176 -4.27 7.81 -3.16
N LEU A 177 -3.70 7.92 -1.98
CA LEU A 177 -4.54 7.80 -0.77
C LEU A 177 -5.34 9.07 -0.57
N ASP A 178 -6.57 8.80 -0.20
CA ASP A 178 -7.66 9.74 0.01
C ASP A 178 -7.43 10.41 1.38
N VAL A 179 -6.27 10.96 1.71
CA VAL A 179 -6.06 11.48 3.07
C VAL A 179 -5.23 12.72 2.96
N ALA A 180 -5.53 13.74 3.75
CA ALA A 180 -4.58 14.87 3.87
C ALA A 180 -3.57 14.64 4.95
N VAL A 181 -2.32 14.83 4.56
CA VAL A 181 -1.21 14.76 5.51
C VAL A 181 -0.87 16.17 6.11
N VAL A 182 -0.92 16.29 7.45
CA VAL A 182 -0.57 17.54 8.15
C VAL A 182 0.75 17.35 8.95
N GLY A 183 1.77 18.14 8.63
CA GLY A 183 2.99 18.17 9.41
C GLY A 183 2.82 19.19 10.56
N VAL A 184 3.31 18.89 11.75
CA VAL A 184 3.10 19.78 12.83
C VAL A 184 4.45 20.22 13.34
N PRO A 185 4.60 21.54 13.52
CA PRO A 185 5.95 21.99 13.96
C PRO A 185 6.41 21.36 15.29
N THR A 186 7.69 21.03 15.36
CA THR A 186 8.38 20.43 16.54
C THR A 186 8.20 21.26 17.84
N VAL A 187 7.65 20.65 18.88
CA VAL A 187 7.60 21.24 20.22
C VAL A 187 9.03 21.07 20.82
N ARG A 188 9.53 22.11 21.47
CA ARG A 188 10.89 22.08 22.02
C ARG A 188 10.85 22.37 23.52
N GLU A 189 11.87 21.89 24.27
CA GLU A 189 12.03 22.25 25.64
C GLU A 189 12.39 23.77 25.69
N ALA A 190 12.42 24.37 26.88
CA ALA A 190 12.69 25.83 26.97
C ALA A 190 14.05 26.28 26.37
N ASP A 191 15.09 25.43 26.42
CA ASP A 191 16.35 25.70 25.80
C ASP A 191 16.49 25.39 24.28
N GLY A 192 15.45 24.82 23.67
CA GLY A 192 15.41 24.53 22.22
C GLY A 192 15.44 23.02 21.89
N LEU A 193 15.80 22.17 22.86
CA LEU A 193 15.81 20.73 22.68
C LEU A 193 14.55 20.21 22.10
N ALA A 194 14.66 19.59 20.92
CA ALA A 194 13.46 18.91 20.31
C ALA A 194 12.93 17.78 21.23
N MET A 195 11.61 17.77 21.40
CA MET A 195 10.93 16.71 22.17
C MET A 195 11.07 15.39 21.44
N SER A 196 11.30 14.34 22.22
CA SER A 196 11.43 13.02 21.68
C SER A 196 11.25 12.05 22.85
N SER A 197 10.62 10.91 22.55
N SER A 197 10.63 10.89 22.60
CA SER A 197 10.44 9.85 23.50
CA SER A 197 10.46 9.87 23.65
C SER A 197 11.80 9.47 24.00
C SER A 197 11.84 9.27 23.95
N ARG A 198 12.83 9.70 23.19
CA ARG A 198 14.13 9.19 23.54
CA ARG A 198 14.23 9.27 23.36
C ARG A 198 15.04 10.17 24.31
N ASN A 199 14.54 11.39 24.57
CA ASN A 199 15.24 12.36 25.45
C ASN A 199 15.53 11.80 26.88
N ARG A 200 14.62 10.94 27.36
CA ARG A 200 14.74 10.32 28.66
C ARG A 200 16.04 9.53 28.84
N TYR A 201 16.70 9.15 27.75
CA TYR A 201 17.96 8.39 27.80
C TYR A 201 19.21 9.21 27.99
N LEU A 202 19.03 10.54 28.06
CA LEU A 202 20.14 11.46 28.29
C LEU A 202 20.35 11.70 29.79
N ASP A 203 21.55 11.40 30.30
CA ASP A 203 21.90 11.77 31.67
C ASP A 203 22.07 13.30 31.76
N PRO A 204 22.24 13.84 32.99
CA PRO A 204 22.35 15.31 33.10
C PRO A 204 23.43 15.97 32.24
N ALA A 205 24.59 15.34 32.08
CA ALA A 205 25.63 15.95 31.28
C ALA A 205 25.22 15.93 29.80
N GLN A 206 24.76 14.76 29.34
CA GLN A 206 24.25 14.57 28.00
C GLN A 206 23.05 15.43 27.65
N ARG A 207 22.16 15.63 28.62
CA ARG A 207 21.06 16.52 28.47
C ARG A 207 21.50 17.97 28.20
N ALA A 208 22.51 18.41 28.98
CA ALA A 208 23.05 19.76 28.89
C ALA A 208 23.73 19.96 27.51
N ALA A 209 24.59 19.00 27.10
CA ALA A 209 25.29 19.04 25.79
C ALA A 209 24.31 19.12 24.60
N ALA A 210 23.17 18.47 24.75
CA ALA A 210 22.16 18.22 23.71
C ALA A 210 21.51 19.46 23.13
N VAL A 211 21.59 20.58 23.85
CA VAL A 211 21.00 21.78 23.37
C VAL A 211 21.86 22.22 22.12
N ALA A 212 23.05 21.64 21.95
CA ALA A 212 23.92 21.88 20.77
C ALA A 212 23.23 21.68 19.43
N LEU A 213 22.35 20.69 19.34
CA LEU A 213 21.66 20.41 18.08
C LEU A 213 20.77 21.56 17.67
N SER A 214 19.82 21.97 18.53
CA SER A 214 18.90 23.03 18.13
C SER A 214 19.64 24.41 17.98
N ALA A 215 20.67 24.61 18.80
CA ALA A 215 21.54 25.79 18.78
C ALA A 215 22.30 25.93 17.42
N ALA A 216 22.97 24.82 16.99
CA ALA A 216 23.69 24.76 15.70
C ALA A 216 22.72 25.16 14.57
N LEU A 217 21.49 24.61 14.66
CA LEU A 217 20.49 24.79 13.64
C LEU A 217 19.91 26.17 13.60
N THR A 218 19.53 26.73 14.76
CA THR A 218 18.98 28.11 14.70
C THR A 218 20.07 29.08 14.38
N ALA A 219 21.32 28.77 14.77
CA ALA A 219 22.45 29.54 14.29
C ALA A 219 22.65 29.54 12.74
N ALA A 220 22.61 28.35 12.14
CA ALA A 220 22.68 28.19 10.71
C ALA A 220 21.54 28.94 10.07
N ALA A 221 20.38 28.89 10.68
CA ALA A 221 19.20 29.51 10.07
C ALA A 221 19.40 31.02 9.95
N HIS A 222 20.17 31.61 10.88
CA HIS A 222 20.47 33.05 10.87
C HIS A 222 21.73 33.43 10.06
N ALA A 223 22.70 32.57 10.13
CA ALA A 223 23.89 32.68 9.36
C ALA A 223 23.60 32.61 7.83
N ALA A 224 22.51 31.94 7.49
CA ALA A 224 22.08 31.68 6.11
C ALA A 224 21.88 32.89 5.17
N THR A 225 21.80 34.11 5.71
CA THR A 225 21.81 35.29 4.80
C THR A 225 23.18 35.42 4.15
N ALA A 226 24.19 34.86 4.80
CA ALA A 226 25.49 34.91 4.21
C ALA A 226 25.65 33.71 3.26
N GLY A 227 24.62 32.90 3.06
CA GLY A 227 24.74 31.76 2.10
C GLY A 227 24.94 30.41 2.79
N ALA A 228 25.14 29.37 1.98
CA ALA A 228 25.01 28.00 2.44
C ALA A 228 26.21 27.51 3.21
N GLN A 229 27.41 27.86 2.71
CA GLN A 229 28.67 27.55 3.41
C GLN A 229 28.73 28.19 4.81
N ALA A 230 28.31 29.43 4.92
CA ALA A 230 28.15 30.08 6.18
C ALA A 230 27.15 29.42 7.13
N ALA A 231 25.97 29.03 6.65
CA ALA A 231 24.97 28.30 7.49
C ALA A 231 25.56 27.02 8.06
N LEU A 232 26.16 26.28 7.14
CA LEU A 232 26.71 24.99 7.41
C LEU A 232 27.94 25.10 8.35
N ASP A 233 28.79 26.07 8.13
CA ASP A 233 29.95 26.22 9.05
C ASP A 233 29.56 26.77 10.43
N ALA A 234 28.47 27.56 10.53
CA ALA A 234 28.00 28.04 11.83
C ALA A 234 27.53 26.83 12.67
N ALA A 235 26.59 26.05 12.10
CA ALA A 235 26.12 24.77 12.65
C ALA A 235 27.26 23.85 13.06
N ARG A 236 28.24 23.65 12.17
CA ARG A 236 29.38 22.79 12.49
C ARG A 236 30.21 23.30 13.69
N ALA A 237 30.34 24.61 13.80
CA ALA A 237 31.20 25.18 14.82
C ALA A 237 30.60 25.00 16.22
N VAL A 238 29.29 25.16 16.31
CA VAL A 238 28.52 24.99 17.52
C VAL A 238 28.58 23.49 17.95
N LEU A 239 28.47 22.60 16.98
CA LEU A 239 28.42 21.17 17.27
C LEU A 239 29.79 20.71 17.76
N ASP A 240 30.83 21.23 17.11
CA ASP A 240 32.25 21.04 17.48
C ASP A 240 32.66 21.53 18.87
N ALA A 241 31.94 22.50 19.39
CA ALA A 241 32.35 23.02 20.65
C ALA A 241 31.58 22.35 21.77
N ALA A 242 30.79 21.32 21.47
CA ALA A 242 29.90 20.70 22.48
C ALA A 242 30.49 19.42 22.96
N PRO A 243 30.33 19.16 24.28
CA PRO A 243 30.84 18.02 25.02
C PRO A 243 30.21 16.71 24.56
N GLY A 244 30.99 15.83 23.96
CA GLY A 244 30.46 14.49 23.71
C GLY A 244 29.27 14.47 22.76
N VAL A 245 29.26 15.40 21.82
CA VAL A 245 28.29 15.34 20.72
C VAL A 245 29.07 14.78 19.50
N ALA A 246 28.85 13.50 19.17
CA ALA A 246 29.35 12.94 17.91
C ALA A 246 28.36 13.02 16.71
N VAL A 247 28.70 13.82 15.71
CA VAL A 247 27.79 14.01 14.57
C VAL A 247 27.82 12.83 13.59
N ASP A 248 26.63 12.32 13.23
N ASP A 248 26.62 12.29 13.31
CA ASP A 248 26.53 11.32 12.17
CA ASP A 248 26.39 11.31 12.26
C ASP A 248 26.24 11.95 10.81
C ASP A 248 26.38 12.08 10.94
N TYR A 249 25.42 12.99 10.79
CA TYR A 249 25.36 13.79 9.57
C TYR A 249 24.82 15.18 9.88
N LEU A 250 25.21 16.14 9.05
CA LEU A 250 24.66 17.43 9.07
C LEU A 250 24.44 17.74 7.59
N GLU A 251 23.19 17.88 7.16
CA GLU A 251 22.90 18.02 5.72
C GLU A 251 21.84 19.03 5.39
N LEU A 252 22.23 19.85 4.42
CA LEU A 252 21.36 20.83 3.84
C LEU A 252 20.71 20.29 2.53
N ARG A 253 19.38 20.25 2.50
CA ARG A 253 18.65 19.73 1.35
C ARG A 253 17.47 20.59 0.96
N ASP A 254 16.92 20.34 -0.24
CA ASP A 254 15.60 20.86 -0.66
C ASP A 254 14.52 20.39 0.34
N ILE A 255 13.35 21.04 0.36
CA ILE A 255 12.34 20.72 1.36
C ILE A 255 11.73 19.32 1.16
N GLY A 256 11.86 18.84 -0.07
CA GLY A 256 11.35 17.54 -0.46
C GLY A 256 12.47 16.53 -0.26
N LEU A 257 13.67 17.01 0.14
CA LEU A 257 14.90 16.17 0.45
C LEU A 257 15.53 15.46 -0.71
N GLY A 258 14.86 15.55 -1.84
CA GLY A 258 15.01 14.59 -2.89
C GLY A 258 15.94 15.10 -3.94
N PRO A 259 15.86 14.49 -5.16
CA PRO A 259 16.73 14.75 -6.32
C PRO A 259 16.73 16.19 -6.94
N MET A 260 16.36 17.21 -6.15
CA MET A 260 16.57 18.64 -6.52
C MET A 260 17.81 19.23 -5.77
N PRO A 261 18.56 20.14 -6.43
CA PRO A 261 19.46 20.91 -5.59
C PRO A 261 18.66 21.91 -4.70
N LEU A 262 19.31 22.42 -3.67
CA LEU A 262 18.77 23.52 -2.92
C LEU A 262 18.72 24.77 -3.81
N ASN A 263 17.58 25.43 -3.79
CA ASN A 263 17.45 26.79 -4.30
C ASN A 263 17.66 27.86 -3.17
N GLY A 264 16.61 28.56 -2.79
CA GLY A 264 16.66 29.42 -1.63
C GLY A 264 15.81 28.93 -0.47
N SER A 265 15.29 27.71 -0.52
CA SER A 265 14.54 27.14 0.61
C SER A 265 14.81 25.68 0.79
N GLY A 266 15.32 25.38 1.97
CA GLY A 266 15.88 24.09 2.29
C GLY A 266 15.45 23.62 3.66
N ARG A 267 16.00 22.50 4.07
CA ARG A 267 15.79 22.02 5.41
C ARG A 267 17.19 21.62 5.78
N LEU A 268 17.61 22.01 6.98
CA LEU A 268 18.90 21.53 7.50
C LEU A 268 18.66 20.41 8.53
N LEU A 269 19.24 19.26 8.28
CA LEU A 269 19.01 18.08 9.13
C LEU A 269 20.31 17.66 9.83
N VAL A 270 20.17 17.31 11.09
CA VAL A 270 21.32 16.84 11.85
C VAL A 270 20.92 15.60 12.63
N ALA A 271 21.91 14.76 12.88
CA ALA A 271 21.75 13.56 13.67
C ALA A 271 23.02 13.38 14.37
N ALA A 272 22.96 13.09 15.66
CA ALA A 272 24.19 13.03 16.45
C ALA A 272 24.03 12.01 17.61
N ARG A 273 25.13 11.47 18.11
CA ARG A 273 25.03 10.50 19.20
C ARG A 273 25.54 11.19 20.42
N LEU A 274 24.86 11.01 21.54
CA LEU A 274 25.28 11.48 22.83
C LEU A 274 25.44 10.23 23.70
N GLY A 275 26.66 9.71 23.86
CA GLY A 275 26.86 8.38 24.48
C GLY A 275 26.21 7.36 23.59
N THR A 276 25.17 6.70 24.07
CA THR A 276 24.51 5.74 23.16
C THR A 276 23.23 6.30 22.57
N THR A 277 22.80 7.51 22.97
CA THR A 277 21.48 7.97 22.48
C THR A 277 21.66 8.74 21.19
N ARG A 278 20.77 8.46 20.25
CA ARG A 278 20.93 9.05 18.95
C ARG A 278 19.86 10.10 18.92
N LEU A 279 20.19 11.32 18.51
CA LEU A 279 19.18 12.38 18.47
C LEU A 279 19.08 13.01 17.07
N LEU A 280 17.85 13.37 16.69
CA LEU A 280 17.54 14.02 15.41
C LEU A 280 16.97 15.40 15.72
N ASP A 281 17.25 16.30 14.79
CA ASP A 281 16.57 17.61 14.75
C ASP A 281 16.75 18.20 13.34
N ASN A 282 15.89 19.14 12.98
CA ASN A 282 16.04 19.76 11.65
C ASN A 282 15.30 21.09 11.69
N ILE A 283 15.56 21.95 10.71
CA ILE A 283 14.92 23.25 10.72
C ILE A 283 14.75 23.76 9.30
N ALA A 284 13.71 24.58 9.07
CA ALA A 284 13.60 25.35 7.83
C ALA A 284 14.79 26.31 7.60
N ILE A 285 15.34 26.35 6.39
CA ILE A 285 16.49 27.23 6.06
C ILE A 285 16.11 28.01 4.80
N GLU A 286 16.30 29.33 4.82
CA GLU A 286 16.12 30.15 3.60
C GLU A 286 17.47 30.74 3.29
N ILE A 287 18.03 30.41 2.13
CA ILE A 287 19.29 30.98 1.73
C ILE A 287 19.15 32.41 1.24
N GLY A 288 20.03 33.29 1.74
CA GLY A 288 19.83 34.73 1.84
C GLY A 288 19.44 35.53 0.63
N THR A 289 18.34 36.27 0.81
CA THR A 289 17.52 36.99 -0.20
C THR A 289 16.10 36.51 0.07
N PHE A 290 16.00 35.21 0.35
CA PHE A 290 14.85 34.52 0.98
C PHE A 290 14.93 34.63 2.49
N ALA A 291 16.12 35.00 2.95
CA ALA A 291 16.38 35.39 4.34
C ALA A 291 16.91 36.82 4.25
N ALA B 2 -16.86 21.06 -7.60
CA ALA B 2 -18.03 20.72 -8.47
C ALA B 2 -17.85 19.43 -9.29
N ILE B 3 -18.47 18.36 -8.80
CA ILE B 3 -18.44 17.01 -9.37
C ILE B 3 -18.54 17.00 -10.92
N PRO B 4 -17.65 16.24 -11.60
CA PRO B 4 -17.78 16.04 -13.07
C PRO B 4 -19.16 15.51 -13.44
N ALA B 5 -19.61 15.78 -14.67
CA ALA B 5 -20.92 15.32 -15.13
C ALA B 5 -21.01 13.79 -15.25
N PHE B 6 -22.02 13.20 -14.65
CA PHE B 6 -22.31 11.79 -14.86
C PHE B 6 -23.67 11.64 -15.48
N HIS B 7 -23.73 10.97 -16.63
CA HIS B 7 -24.98 10.70 -17.35
C HIS B 7 -25.46 9.26 -17.13
N PRO B 8 -26.37 9.05 -16.17
CA PRO B 8 -26.86 7.73 -15.79
C PRO B 8 -27.35 6.97 -17.01
N GLY B 9 -27.06 5.67 -17.04
CA GLY B 9 -27.50 4.84 -18.13
C GLY B 9 -26.72 5.01 -19.41
N GLU B 10 -25.70 5.86 -19.44
CA GLU B 10 -24.78 5.76 -20.57
C GLU B 10 -23.30 5.64 -20.20
N LEU B 11 -22.46 5.57 -21.24
CA LEU B 11 -21.06 5.33 -21.03
C LEU B 11 -20.26 6.63 -20.80
N ASN B 12 -19.94 6.86 -19.52
CA ASN B 12 -19.18 7.99 -19.07
C ASN B 12 -17.70 7.62 -19.01
N VAL B 13 -16.90 8.23 -19.88
CA VAL B 13 -15.47 8.01 -19.93
C VAL B 13 -14.72 9.14 -19.21
N TYR B 14 -13.74 8.79 -18.38
CA TYR B 14 -12.93 9.73 -17.62
C TYR B 14 -11.52 9.29 -17.73
N SER B 15 -10.63 10.24 -18.03
CA SER B 15 -9.18 9.98 -18.02
C SER B 15 -8.51 10.50 -16.78
N ALA B 16 -9.13 11.47 -16.13
CA ALA B 16 -8.50 12.12 -15.01
C ALA B 16 -8.80 11.29 -13.73
N PRO B 17 -7.76 10.90 -12.99
CA PRO B 17 -8.00 10.08 -11.80
C PRO B 17 -8.83 10.79 -10.72
N GLY B 18 -8.63 12.10 -10.56
CA GLY B 18 -9.49 12.88 -9.67
C GLY B 18 -10.91 12.93 -10.18
N ASP B 19 -11.11 12.78 -11.47
CA ASP B 19 -12.49 12.85 -11.96
C ASP B 19 -13.27 11.61 -11.57
N VAL B 20 -12.74 10.44 -11.97
CA VAL B 20 -13.43 9.18 -11.69
C VAL B 20 -13.57 9.01 -10.17
N ALA B 21 -12.57 9.46 -9.41
CA ALA B 21 -12.63 9.44 -7.92
C ALA B 21 -13.83 10.24 -7.39
N ASP B 22 -14.09 11.41 -8.00
CA ASP B 22 -15.22 12.27 -7.58
C ASP B 22 -16.55 11.66 -7.99
N VAL B 23 -16.66 11.19 -9.23
CA VAL B 23 -17.87 10.53 -9.66
C VAL B 23 -18.18 9.32 -8.80
N SER B 24 -17.14 8.57 -8.44
CA SER B 24 -17.27 7.39 -7.66
C SER B 24 -17.83 7.68 -6.24
N ARG B 25 -17.11 8.52 -5.47
N ARG B 25 -17.12 8.49 -5.46
CA ARG B 25 -17.51 9.04 -4.16
CA ARG B 25 -17.60 8.94 -4.15
C ARG B 25 -18.97 9.55 -4.19
C ARG B 25 -19.04 9.49 -4.25
N ALA B 26 -19.26 10.44 -5.15
CA ALA B 26 -20.61 11.00 -5.33
C ALA B 26 -21.71 9.93 -5.63
N LEU B 27 -21.39 8.95 -6.48
CA LEU B 27 -22.31 7.83 -6.72
C LEU B 27 -22.50 6.94 -5.47
N ARG B 28 -21.44 6.67 -4.74
CA ARG B 28 -21.53 5.84 -3.54
C ARG B 28 -22.62 6.44 -2.63
N LEU B 29 -22.58 7.76 -2.47
CA LEU B 29 -23.47 8.47 -1.53
C LEU B 29 -24.96 8.39 -1.93
N THR B 30 -25.23 8.37 -3.24
CA THR B 30 -26.58 8.12 -3.77
C THR B 30 -27.08 6.68 -3.55
N GLY B 31 -26.27 5.83 -2.93
CA GLY B 31 -26.73 4.47 -2.71
C GLY B 31 -26.28 3.39 -3.70
N ARG B 32 -25.73 3.76 -4.85
CA ARG B 32 -25.11 2.79 -5.75
C ARG B 32 -23.91 2.12 -5.10
N ARG B 33 -23.67 0.86 -5.40
CA ARG B 33 -22.47 0.13 -4.96
C ARG B 33 -21.48 0.17 -6.14
N VAL B 34 -20.26 0.66 -5.93
CA VAL B 34 -19.29 0.72 -7.04
C VAL B 34 -18.52 -0.63 -7.23
N MET B 35 -18.42 -1.09 -8.46
CA MET B 35 -17.81 -2.39 -8.76
C MET B 35 -16.64 -2.08 -9.68
N LEU B 36 -15.47 -2.61 -9.42
CA LEU B 36 -14.38 -2.26 -10.32
C LEU B 36 -13.98 -3.47 -11.13
N VAL B 37 -13.83 -3.29 -12.46
CA VAL B 37 -13.35 -4.37 -13.33
C VAL B 37 -12.03 -3.85 -13.93
N PRO B 38 -10.89 -4.26 -13.35
CA PRO B 38 -9.70 -3.63 -13.98
C PRO B 38 -9.12 -4.44 -15.13
N THR B 39 -8.83 -3.77 -16.25
CA THR B 39 -8.43 -4.46 -17.46
C THR B 39 -7.23 -3.77 -18.11
N MET B 40 -6.65 -4.46 -19.07
CA MET B 40 -5.66 -3.84 -19.90
C MET B 40 -6.23 -3.55 -21.24
N GLY B 41 -7.56 -3.62 -21.36
CA GLY B 41 -8.17 -3.38 -22.66
C GLY B 41 -7.99 -4.59 -23.56
N ALA B 42 -8.26 -4.40 -24.88
CA ALA B 42 -8.29 -5.46 -25.87
C ALA B 42 -9.30 -6.55 -25.45
N LEU B 43 -10.54 -6.12 -25.25
CA LEU B 43 -11.51 -6.91 -24.47
C LEU B 43 -12.09 -8.09 -25.22
N HIS B 44 -12.18 -9.22 -24.54
CA HIS B 44 -12.81 -10.39 -25.07
C HIS B 44 -13.84 -10.89 -24.05
N GLU B 45 -14.39 -12.09 -24.31
CA GLU B 45 -15.58 -12.57 -23.63
C GLU B 45 -15.27 -12.80 -22.16
N GLY B 46 -14.01 -13.10 -21.88
CA GLY B 46 -13.53 -13.20 -20.52
C GLY B 46 -13.83 -11.93 -19.75
N HIS B 47 -13.56 -10.78 -20.37
CA HIS B 47 -13.72 -9.49 -19.73
C HIS B 47 -15.21 -9.21 -19.57
N LEU B 48 -16.00 -9.56 -20.59
N LEU B 48 -16.00 -9.56 -20.58
CA LEU B 48 -17.46 -9.33 -20.54
CA LEU B 48 -17.44 -9.33 -20.52
C LEU B 48 -18.08 -10.15 -19.41
C LEU B 48 -18.08 -10.15 -19.38
N ALA B 49 -17.53 -11.32 -19.10
CA ALA B 49 -18.00 -12.08 -17.94
C ALA B 49 -17.65 -11.42 -16.59
N LEU B 50 -16.50 -10.70 -16.48
CA LEU B 50 -16.17 -9.90 -15.26
C LEU B 50 -17.20 -8.81 -15.11
N VAL B 51 -17.45 -8.13 -16.22
CA VAL B 51 -18.52 -7.11 -16.29
C VAL B 51 -19.91 -7.63 -15.95
N ARG B 52 -20.24 -8.82 -16.49
CA ARG B 52 -21.55 -9.34 -16.24
C ARG B 52 -21.76 -9.66 -14.78
N ALA B 53 -20.79 -10.29 -14.14
CA ALA B 53 -20.88 -10.56 -12.71
C ALA B 53 -20.97 -9.27 -11.91
N ALA B 54 -20.39 -8.21 -12.40
CA ALA B 54 -20.44 -6.95 -11.67
C ALA B 54 -21.79 -6.27 -11.82
N LYS B 55 -22.41 -6.41 -13.00
CA LYS B 55 -23.73 -5.82 -13.21
C LYS B 55 -24.78 -6.53 -12.39
N ARG B 56 -24.60 -7.77 -12.05
CA ARG B 56 -25.72 -8.34 -11.34
C ARG B 56 -25.80 -8.02 -9.84
N VAL B 57 -24.82 -7.32 -9.30
CA VAL B 57 -24.92 -6.83 -7.92
C VAL B 57 -26.05 -5.74 -7.86
N PRO B 58 -27.10 -5.97 -7.04
CA PRO B 58 -28.20 -5.01 -7.02
C PRO B 58 -27.74 -3.62 -6.58
N GLY B 59 -28.09 -2.62 -7.36
CA GLY B 59 -27.64 -1.30 -7.06
C GLY B 59 -26.23 -0.98 -7.52
N SER B 60 -25.70 -1.79 -8.43
CA SER B 60 -24.29 -1.65 -8.86
C SER B 60 -24.19 -0.53 -9.85
N VAL B 61 -23.07 0.18 -9.77
CA VAL B 61 -22.54 0.91 -10.92
C VAL B 61 -21.18 0.34 -11.22
N VAL B 62 -20.98 0.08 -12.50
CA VAL B 62 -19.78 -0.59 -13.01
C VAL B 62 -18.72 0.31 -13.58
N VAL B 63 -17.51 0.20 -13.00
CA VAL B 63 -16.31 0.91 -13.42
C VAL B 63 -15.31 -0.10 -14.05
N VAL B 64 -14.96 0.11 -15.32
CA VAL B 64 -14.00 -0.73 -16.02
C VAL B 64 -12.81 0.15 -16.20
N SER B 65 -11.67 -0.23 -15.69
CA SER B 65 -10.49 0.52 -15.99
C SER B 65 -9.79 -0.11 -17.18
N ILE B 66 -9.17 0.73 -17.99
CA ILE B 66 -8.41 0.25 -19.14
C ILE B 66 -7.10 0.98 -19.04
N PHE B 67 -6.06 0.21 -18.80
CA PHE B 67 -4.76 0.80 -18.57
C PHE B 67 -3.70 -0.22 -18.78
N VAL B 68 -2.79 0.10 -19.70
CA VAL B 68 -1.67 -0.75 -19.98
C VAL B 68 -0.58 -0.34 -19.01
N ASN B 69 -0.27 -1.25 -18.12
CA ASN B 69 0.60 -0.96 -17.02
C ASN B 69 2.03 -1.27 -17.41
N PRO B 70 2.86 -0.25 -17.68
CA PRO B 70 4.20 -0.66 -18.12
C PRO B 70 4.99 -1.36 -16.99
N MET B 71 4.50 -1.26 -15.75
CA MET B 71 5.22 -1.80 -14.58
C MET B 71 5.24 -3.34 -14.48
N GLN B 72 4.30 -3.98 -15.16
CA GLN B 72 4.20 -5.45 -15.21
C GLN B 72 4.53 -6.06 -16.59
N PHE B 73 4.61 -5.23 -17.63
CA PHE B 73 4.90 -5.74 -18.98
C PHE B 73 5.35 -4.62 -19.91
N PRO B 83 -1.47 -5.00 -28.12
CA PRO B 83 -2.93 -5.00 -27.98
C PRO B 83 -3.49 -3.69 -27.43
N ARG B 84 -4.18 -2.94 -28.30
CA ARG B 84 -4.73 -1.60 -28.04
C ARG B 84 -5.92 -1.27 -28.98
N THR B 85 -7.12 -1.75 -28.64
CA THR B 85 -8.33 -1.61 -29.50
C THR B 85 -9.35 -0.61 -28.89
N PRO B 86 -9.05 0.70 -28.93
CA PRO B 86 -9.69 1.65 -28.00
C PRO B 86 -11.17 1.93 -28.25
N ASP B 87 -11.55 2.26 -29.49
CA ASP B 87 -12.97 2.45 -29.86
C ASP B 87 -13.72 1.14 -29.68
N ASP B 88 -13.13 0.04 -30.17
CA ASP B 88 -13.71 -1.29 -30.03
C ASP B 88 -14.08 -1.52 -28.56
N ASP B 89 -13.14 -1.25 -27.68
CA ASP B 89 -13.32 -1.52 -26.24
C ASP B 89 -14.53 -0.76 -25.71
N LEU B 90 -14.68 0.49 -26.11
CA LEU B 90 -15.81 1.31 -25.67
C LEU B 90 -17.15 0.87 -26.21
N ALA B 91 -17.20 0.61 -27.52
CA ALA B 91 -18.41 0.07 -28.09
C ALA B 91 -18.82 -1.21 -27.34
N GLN B 92 -17.85 -2.06 -27.06
CA GLN B 92 -18.07 -3.29 -26.27
C GLN B 92 -18.62 -3.03 -24.84
N LEU B 93 -18.21 -1.92 -24.23
CA LEU B 93 -18.71 -1.59 -22.87
C LEU B 93 -20.08 -0.91 -22.93
N ARG B 94 -20.25 0.03 -23.88
CA ARG B 94 -21.56 0.66 -24.27
C ARG B 94 -22.60 -0.45 -24.42
N ALA B 95 -22.23 -1.44 -25.22
CA ALA B 95 -23.09 -2.60 -25.48
C ALA B 95 -23.39 -3.44 -24.22
N GLU B 96 -22.58 -3.34 -23.15
CA GLU B 96 -22.86 -4.13 -21.95
C GLU B 96 -23.64 -3.39 -20.91
N GLY B 97 -23.92 -2.13 -21.20
CA GLY B 97 -24.63 -1.24 -20.29
C GLY B 97 -23.78 -0.67 -19.18
N VAL B 98 -22.45 -0.72 -19.33
CA VAL B 98 -21.46 -0.17 -18.40
C VAL B 98 -21.44 1.38 -18.31
N GLU B 99 -21.59 1.95 -17.12
CA GLU B 99 -21.68 3.41 -17.03
C GLU B 99 -20.36 4.19 -16.94
N ILE B 100 -19.32 3.55 -16.41
CA ILE B 100 -18.00 4.24 -16.29
C ILE B 100 -16.83 3.44 -16.85
N ALA B 101 -16.08 4.08 -17.74
CA ALA B 101 -14.79 3.61 -18.18
C ALA B 101 -13.76 4.63 -17.64
N PHE B 102 -12.64 4.14 -17.08
CA PHE B 102 -11.56 4.98 -16.53
C PHE B 102 -10.36 4.60 -17.34
N THR B 103 -9.89 5.58 -18.12
CA THR B 103 -8.88 5.35 -19.13
C THR B 103 -7.73 6.32 -18.91
N PRO B 104 -7.00 6.18 -17.78
CA PRO B 104 -5.95 7.20 -17.49
C PRO B 104 -4.75 7.05 -18.40
N THR B 105 -3.96 8.10 -18.53
CA THR B 105 -2.65 7.94 -19.13
C THR B 105 -1.59 7.41 -18.13
N THR B 106 -0.47 7.03 -18.70
CA THR B 106 0.72 6.64 -17.95
C THR B 106 1.24 7.76 -17.03
N ALA B 107 1.41 8.98 -17.57
CA ALA B 107 1.80 10.11 -16.71
C ALA B 107 0.82 10.41 -15.56
N ALA B 108 -0.49 10.26 -15.81
CA ALA B 108 -1.50 10.55 -14.78
C ALA B 108 -1.51 9.52 -13.64
N MET B 109 -1.17 8.26 -13.98
CA MET B 109 -1.05 7.16 -13.03
C MET B 109 0.30 7.25 -12.27
N TYR B 110 1.35 7.64 -13.00
CA TYR B 110 2.69 7.82 -12.45
C TYR B 110 3.26 9.27 -12.57
N PRO B 111 2.62 10.27 -11.96
CA PRO B 111 3.14 11.64 -12.20
C PRO B 111 4.50 11.88 -11.55
N ASP B 112 4.85 11.12 -10.54
CA ASP B 112 6.16 11.33 -9.94
C ASP B 112 7.10 10.25 -10.37
N GLY B 113 6.73 9.58 -11.46
CA GLY B 113 7.50 8.43 -11.95
C GLY B 113 7.29 7.23 -11.02
N LEU B 114 8.28 6.34 -11.05
CA LEU B 114 8.31 5.15 -10.24
C LEU B 114 8.96 5.43 -8.85
N ARG B 115 8.23 5.23 -7.77
CA ARG B 115 8.79 5.72 -6.51
C ARG B 115 8.35 4.76 -5.43
N THR B 116 7.28 5.07 -4.68
CA THR B 116 6.74 4.04 -3.75
C THR B 116 6.03 2.91 -4.53
N THR B 117 6.39 1.66 -4.22
CA THR B 117 5.76 0.49 -4.87
C THR B 117 5.38 -0.60 -3.84
N VAL B 118 4.57 -1.53 -4.27
CA VAL B 118 4.19 -2.67 -3.49
C VAL B 118 5.22 -3.77 -3.68
N GLN B 119 5.70 -4.30 -2.55
CA GLN B 119 6.51 -5.49 -2.57
C GLN B 119 5.68 -6.71 -2.16
N PRO B 120 5.43 -7.61 -3.12
CA PRO B 120 4.72 -8.88 -2.87
C PRO B 120 5.49 -9.75 -1.92
N GLY B 121 4.81 -10.62 -1.18
CA GLY B 121 5.56 -11.63 -0.45
C GLY B 121 6.09 -12.67 -1.45
N PRO B 122 6.63 -13.77 -0.93
CA PRO B 122 7.44 -14.86 -1.55
C PRO B 122 6.71 -15.63 -2.65
N LEU B 123 5.38 -15.72 -2.58
CA LEU B 123 4.62 -16.29 -3.66
C LEU B 123 4.91 -15.62 -4.97
N ALA B 124 5.26 -14.33 -4.98
CA ALA B 124 5.51 -13.67 -6.27
C ALA B 124 6.83 -14.11 -6.94
N ALA B 125 7.70 -14.82 -6.24
CA ALA B 125 8.90 -15.35 -6.91
C ALA B 125 8.67 -16.72 -7.55
N GLU B 126 7.54 -17.34 -7.26
CA GLU B 126 7.24 -18.66 -7.83
C GLU B 126 6.42 -18.60 -9.11
N LEU B 127 6.37 -19.78 -9.76
CA LEU B 127 5.41 -20.05 -10.86
C LEU B 127 5.58 -18.95 -11.94
N GLU B 128 4.60 -18.04 -12.18
CA GLU B 128 4.78 -17.00 -13.20
C GLU B 128 5.96 -16.09 -12.88
N GLY B 129 6.33 -16.09 -11.59
CA GLY B 129 7.47 -15.32 -11.09
C GLY B 129 8.87 -15.82 -11.42
N GLY B 130 9.01 -17.10 -11.76
CA GLY B 130 10.16 -17.59 -12.52
C GLY B 130 10.70 -16.70 -13.66
N PRO B 131 9.98 -16.63 -14.80
CA PRO B 131 10.34 -15.80 -15.97
C PRO B 131 10.14 -14.28 -15.79
N ARG B 132 9.33 -13.86 -14.81
CA ARG B 132 9.00 -12.44 -14.68
C ARG B 132 8.96 -12.06 -13.19
N PRO B 133 10.15 -11.99 -12.56
CA PRO B 133 10.32 -11.75 -11.14
C PRO B 133 9.83 -10.39 -10.60
N THR B 134 9.52 -9.45 -11.49
CA THR B 134 9.01 -8.15 -11.07
C THR B 134 7.58 -7.98 -11.54
N HIS B 135 7.03 -8.96 -12.27
CA HIS B 135 5.72 -8.81 -12.89
C HIS B 135 4.65 -8.44 -11.82
N PHE B 136 4.62 -9.21 -10.73
CA PHE B 136 3.58 -9.09 -9.74
C PHE B 136 3.66 -7.79 -8.86
N ALA B 137 4.86 -7.34 -8.55
CA ALA B 137 5.02 -6.01 -7.88
C ALA B 137 4.36 -4.93 -8.71
N GLY B 138 4.61 -4.95 -10.02
CA GLY B 138 3.90 -4.05 -10.94
C GLY B 138 2.37 -4.20 -10.97
N VAL B 139 1.89 -5.44 -11.01
CA VAL B 139 0.46 -5.65 -10.94
C VAL B 139 -0.14 -5.18 -9.56
N LEU B 140 0.38 -5.65 -8.46
CA LEU B 140 -0.13 -5.18 -7.15
C LEU B 140 -0.10 -3.63 -7.02
N THR B 141 0.83 -2.98 -7.70
CA THR B 141 1.09 -1.55 -7.45
C THR B 141 -0.05 -0.87 -8.12
N VAL B 142 -0.31 -1.32 -9.35
N VAL B 142 -0.33 -1.28 -9.36
CA VAL B 142 -1.31 -0.67 -10.13
CA VAL B 142 -1.39 -0.60 -10.08
C VAL B 142 -2.67 -0.95 -9.56
C VAL B 142 -2.73 -0.92 -9.50
N VAL B 143 -2.90 -2.17 -9.07
CA VAL B 143 -4.25 -2.58 -8.57
C VAL B 143 -4.56 -1.78 -7.29
N LEU B 144 -3.57 -1.70 -6.42
CA LEU B 144 -3.73 -0.90 -5.17
C LEU B 144 -4.12 0.57 -5.52
N LYS B 145 -3.43 1.14 -6.51
CA LYS B 145 -3.73 2.50 -6.98
C LYS B 145 -5.18 2.63 -7.49
N LEU B 146 -5.61 1.68 -8.29
CA LEU B 146 -6.97 1.75 -8.84
C LEU B 146 -7.91 1.61 -7.68
N LEU B 147 -7.54 0.78 -6.69
CA LEU B 147 -8.46 0.60 -5.57
C LEU B 147 -8.65 1.90 -4.81
N GLN B 148 -7.58 2.63 -4.71
CA GLN B 148 -7.61 3.86 -3.88
C GLN B 148 -8.27 4.95 -4.65
N ILE B 149 -8.09 4.99 -5.99
CA ILE B 149 -8.76 5.98 -6.85
C ILE B 149 -10.28 5.76 -6.89
N VAL B 150 -10.67 4.51 -7.17
CA VAL B 150 -12.08 4.20 -7.43
C VAL B 150 -12.84 3.95 -6.12
N ARG B 151 -12.14 3.46 -5.11
CA ARG B 151 -12.81 3.02 -3.84
C ARG B 151 -14.08 2.19 -4.11
N PRO B 152 -13.92 1.03 -4.77
CA PRO B 152 -15.02 0.12 -5.08
C PRO B 152 -15.50 -0.64 -3.86
N ASP B 153 -16.76 -1.03 -3.82
CA ASP B 153 -17.18 -2.03 -2.84
C ASP B 153 -16.69 -3.44 -3.21
N ARG B 154 -16.67 -3.77 -4.50
CA ARG B 154 -16.16 -5.08 -5.00
C ARG B 154 -15.22 -4.97 -6.21
N VAL B 155 -14.14 -5.77 -6.22
CA VAL B 155 -13.22 -5.79 -7.33
C VAL B 155 -13.20 -7.20 -7.97
N PHE B 156 -13.23 -7.26 -9.30
CA PHE B 156 -13.47 -8.50 -10.08
C PHE B 156 -12.25 -8.87 -10.88
N PHE B 157 -11.85 -10.13 -10.74
CA PHE B 157 -10.69 -10.66 -11.43
C PHE B 157 -11.00 -12.07 -11.94
N GLY B 158 -10.52 -12.38 -13.16
CA GLY B 158 -10.58 -13.74 -13.62
C GLY B 158 -9.74 -14.70 -12.79
N GLU B 159 -10.29 -15.90 -12.68
CA GLU B 159 -9.52 -17.08 -12.23
C GLU B 159 -8.47 -17.51 -13.24
N LYS B 160 -8.54 -17.04 -14.48
CA LYS B 160 -7.50 -17.51 -15.45
C LYS B 160 -6.16 -17.22 -14.88
N ASP B 161 -5.93 -15.98 -14.43
CA ASP B 161 -4.72 -15.56 -13.76
C ASP B 161 -4.84 -15.81 -12.27
N TYR B 162 -4.72 -17.08 -11.93
CA TYR B 162 -4.98 -17.52 -10.58
C TYR B 162 -3.94 -17.04 -9.58
N GLN B 163 -2.66 -17.19 -9.89
CA GLN B 163 -1.62 -16.70 -9.03
C GLN B 163 -1.81 -15.19 -8.76
N GLN B 164 -2.09 -14.45 -9.81
CA GLN B 164 -2.45 -13.08 -9.68
C GLN B 164 -3.66 -12.86 -8.72
N LEU B 165 -4.74 -13.65 -8.79
CA LEU B 165 -5.85 -13.47 -7.88
C LEU B 165 -5.43 -13.71 -6.41
N VAL B 166 -4.59 -14.71 -6.19
CA VAL B 166 -4.20 -15.06 -4.82
C VAL B 166 -3.35 -13.92 -4.20
N LEU B 167 -2.45 -13.38 -5.00
CA LEU B 167 -1.58 -12.29 -4.62
C LEU B 167 -2.39 -11.05 -4.29
N ILE B 168 -3.43 -10.79 -5.08
N ILE B 168 -3.49 -10.80 -5.01
CA ILE B 168 -4.39 -9.70 -4.84
CA ILE B 168 -4.40 -9.64 -4.75
C ILE B 168 -5.01 -9.94 -3.45
C ILE B 168 -5.28 -9.86 -3.52
N ARG B 169 -5.58 -11.13 -3.22
CA ARG B 169 -6.17 -11.40 -1.90
CA ARG B 169 -6.18 -11.48 -1.92
C ARG B 169 -5.18 -11.21 -0.80
N GLN B 170 -3.88 -11.49 -1.05
CA GLN B 170 -2.80 -11.24 -0.06
C GLN B 170 -2.59 -9.72 0.14
N LEU B 171 -2.51 -8.97 -0.95
CA LEU B 171 -2.52 -7.51 -0.85
C LEU B 171 -3.63 -6.99 0.07
N VAL B 172 -4.88 -7.38 -0.19
CA VAL B 172 -6.10 -6.91 0.46
C VAL B 172 -6.06 -7.25 1.94
N ALA B 173 -5.69 -8.48 2.24
CA ALA B 173 -5.48 -8.94 3.61
C ALA B 173 -4.35 -8.21 4.32
N ASP B 174 -3.22 -8.08 3.65
CA ASP B 174 -2.03 -7.59 4.29
C ASP B 174 -2.06 -6.06 4.54
N PHE B 175 -2.84 -5.35 3.72
CA PHE B 175 -2.94 -3.90 3.82
C PHE B 175 -4.28 -3.47 4.40
N ASN B 176 -5.12 -4.45 4.82
CA ASN B 176 -6.37 -4.17 5.56
C ASN B 176 -7.30 -3.37 4.67
N LEU B 177 -7.22 -3.65 3.35
CA LEU B 177 -8.10 -3.02 2.39
C LEU B 177 -9.56 -3.45 2.57
N ASP B 178 -10.39 -2.44 2.32
N ASP B 178 -10.53 -2.56 2.44
CA ASP B 178 -11.82 -2.46 2.52
CA ASP B 178 -11.90 -2.96 2.82
C ASP B 178 -12.60 -2.64 1.22
C ASP B 178 -12.78 -3.62 1.71
N VAL B 179 -12.23 -3.68 0.50
CA VAL B 179 -12.87 -4.10 -0.68
C VAL B 179 -13.08 -5.61 -0.64
N ALA B 180 -14.15 -6.05 -1.28
CA ALA B 180 -14.35 -7.50 -1.53
C ALA B 180 -13.76 -7.88 -2.91
N VAL B 181 -12.90 -8.91 -2.92
CA VAL B 181 -12.28 -9.44 -4.12
C VAL B 181 -13.14 -10.64 -4.61
N VAL B 182 -13.72 -10.47 -5.81
CA VAL B 182 -14.49 -11.54 -6.44
C VAL B 182 -13.64 -12.17 -7.60
N GLY B 183 -13.48 -13.50 -7.51
CA GLY B 183 -12.80 -14.26 -8.60
C GLY B 183 -13.88 -14.82 -9.53
N VAL B 184 -13.74 -14.60 -10.83
CA VAL B 184 -14.78 -15.05 -11.75
C VAL B 184 -14.24 -16.24 -12.63
N PRO B 185 -14.97 -17.41 -12.63
CA PRO B 185 -14.47 -18.61 -13.37
C PRO B 185 -14.05 -18.23 -14.79
N THR B 186 -13.07 -18.97 -15.31
CA THR B 186 -12.47 -18.74 -16.60
C THR B 186 -13.49 -18.97 -17.66
N VAL B 187 -13.57 -18.06 -18.62
CA VAL B 187 -14.35 -18.31 -19.80
C VAL B 187 -13.44 -19.10 -20.76
N ARG B 188 -14.07 -19.98 -21.54
CA ARG B 188 -13.31 -20.91 -22.41
C ARG B 188 -13.93 -21.02 -23.79
N GLU B 189 -13.08 -21.30 -24.76
CA GLU B 189 -13.62 -21.57 -26.12
C GLU B 189 -14.33 -22.94 -26.07
N ALA B 190 -15.09 -23.25 -27.11
CA ALA B 190 -15.91 -24.51 -27.16
C ALA B 190 -15.09 -25.82 -26.88
N ASP B 191 -13.82 -25.87 -27.27
CA ASP B 191 -12.97 -27.02 -27.01
C ASP B 191 -12.28 -27.04 -25.62
N GLY B 192 -12.53 -26.00 -24.77
CA GLY B 192 -11.89 -25.90 -23.45
C GLY B 192 -10.75 -24.86 -23.32
N LEU B 193 -10.15 -24.41 -24.44
CA LEU B 193 -9.03 -23.43 -24.36
C LEU B 193 -9.42 -22.19 -23.53
N ALA B 194 -8.65 -21.86 -22.50
CA ALA B 194 -9.01 -20.68 -21.71
C ALA B 194 -8.88 -19.35 -22.54
N MET B 195 -9.93 -18.53 -22.52
CA MET B 195 -9.90 -17.24 -23.22
C MET B 195 -8.65 -16.46 -22.82
N SER B 196 -7.89 -15.99 -23.80
CA SER B 196 -6.78 -15.11 -23.55
C SER B 196 -6.52 -14.19 -24.74
N SER B 197 -6.10 -12.96 -24.42
CA SER B 197 -5.60 -12.02 -25.42
C SER B 197 -4.60 -12.67 -26.35
N ARG B 198 -3.82 -13.59 -25.80
CA ARG B 198 -2.76 -14.26 -26.59
C ARG B 198 -3.21 -15.31 -27.61
N ASN B 199 -4.30 -15.98 -27.31
CA ASN B 199 -4.81 -16.96 -28.25
C ASN B 199 -4.79 -16.56 -29.72
N ARG B 200 -4.97 -15.26 -30.02
CA ARG B 200 -5.00 -14.79 -31.44
C ARG B 200 -3.69 -15.00 -32.19
N TYR B 201 -2.56 -14.97 -31.46
CA TYR B 201 -1.25 -15.26 -32.04
C TYR B 201 -1.05 -16.71 -32.53
N LEU B 202 -1.87 -17.66 -32.06
CA LEU B 202 -1.61 -19.08 -32.36
C LEU B 202 -1.90 -19.41 -33.80
N ASP B 203 -0.94 -20.03 -34.45
CA ASP B 203 -1.22 -20.46 -35.78
C ASP B 203 -2.15 -21.71 -35.69
N PRO B 204 -2.52 -22.32 -36.80
CA PRO B 204 -3.49 -23.40 -36.57
C PRO B 204 -2.99 -24.67 -35.83
N ALA B 205 -1.78 -25.12 -36.17
CA ALA B 205 -1.06 -26.15 -35.49
C ALA B 205 -0.97 -25.87 -33.98
N GLN B 206 -0.63 -24.65 -33.61
CA GLN B 206 -0.51 -24.27 -32.22
C GLN B 206 -1.82 -24.25 -31.45
N ARG B 207 -2.86 -23.73 -32.11
CA ARG B 207 -4.22 -23.60 -31.57
C ARG B 207 -4.70 -24.98 -31.37
N ALA B 208 -4.30 -25.86 -32.28
CA ALA B 208 -4.59 -27.32 -32.15
C ALA B 208 -3.98 -27.98 -30.94
N ALA B 209 -2.66 -27.80 -30.75
CA ALA B 209 -1.90 -28.39 -29.63
C ALA B 209 -2.35 -27.79 -28.28
N ALA B 210 -2.67 -26.46 -28.29
CA ALA B 210 -3.16 -25.65 -27.09
C ALA B 210 -4.28 -26.29 -26.31
N VAL B 211 -5.13 -27.06 -27.01
N VAL B 211 -5.13 -27.07 -26.97
CA VAL B 211 -6.26 -27.78 -26.40
CA VAL B 211 -6.24 -27.65 -26.27
C VAL B 211 -5.79 -28.66 -25.25
C VAL B 211 -5.81 -28.70 -25.25
N ALA B 212 -4.56 -29.15 -25.38
CA ALA B 212 -3.95 -30.11 -24.42
C ALA B 212 -3.93 -29.55 -23.00
N LEU B 213 -3.73 -28.23 -22.86
CA LEU B 213 -3.65 -27.70 -21.51
C LEU B 213 -4.98 -27.89 -20.73
N SER B 214 -6.08 -27.49 -21.33
CA SER B 214 -7.34 -27.66 -20.65
C SER B 214 -7.79 -29.11 -20.56
N ALA B 215 -7.37 -29.90 -21.53
CA ALA B 215 -7.63 -31.33 -21.59
C ALA B 215 -6.98 -32.03 -20.46
N ALA B 216 -5.71 -31.70 -20.22
CA ALA B 216 -4.91 -32.25 -19.20
C ALA B 216 -5.44 -31.92 -17.79
N LEU B 217 -5.91 -30.68 -17.59
CA LEU B 217 -6.37 -30.24 -16.29
C LEU B 217 -7.64 -30.89 -15.87
N THR B 218 -8.57 -30.95 -16.83
CA THR B 218 -9.86 -31.59 -16.61
CA THR B 218 -9.86 -31.58 -16.61
C THR B 218 -9.73 -33.10 -16.48
N ALA B 219 -8.82 -33.69 -17.25
CA ALA B 219 -8.45 -35.11 -17.02
C ALA B 219 -8.01 -35.31 -15.54
N ALA B 220 -7.08 -34.45 -15.08
CA ALA B 220 -6.63 -34.48 -13.70
C ALA B 220 -7.77 -34.31 -12.69
N ALA B 221 -8.72 -33.37 -12.95
CA ALA B 221 -9.71 -33.04 -11.96
C ALA B 221 -10.55 -34.33 -11.72
N HIS B 222 -10.72 -35.11 -12.80
CA HIS B 222 -11.50 -36.35 -12.78
C HIS B 222 -10.71 -37.54 -12.35
N ALA B 223 -9.43 -37.63 -12.73
CA ALA B 223 -8.56 -38.69 -12.21
C ALA B 223 -8.35 -38.63 -10.68
N ALA B 224 -8.71 -37.49 -10.09
CA ALA B 224 -8.32 -37.20 -8.72
C ALA B 224 -9.09 -37.98 -7.64
N THR B 225 -10.21 -38.61 -7.95
CA THR B 225 -10.80 -39.64 -7.06
C THR B 225 -9.82 -40.76 -6.81
N ALA B 226 -8.78 -40.90 -7.66
CA ALA B 226 -7.73 -41.89 -7.47
C ALA B 226 -6.45 -41.30 -6.80
N GLY B 227 -6.55 -40.09 -6.29
CA GLY B 227 -5.45 -39.45 -5.56
C GLY B 227 -4.65 -38.45 -6.40
N ALA B 228 -3.70 -37.81 -5.70
CA ALA B 228 -2.92 -36.67 -6.23
C ALA B 228 -1.98 -37.16 -7.35
N GLN B 229 -1.30 -38.26 -7.11
CA GLN B 229 -0.35 -38.77 -8.06
C GLN B 229 -1.04 -39.17 -9.37
N ALA B 230 -2.21 -39.82 -9.26
CA ALA B 230 -2.96 -40.17 -10.43
C ALA B 230 -3.44 -38.93 -11.17
N ALA B 231 -3.86 -37.89 -10.45
CA ALA B 231 -4.25 -36.62 -11.07
C ALA B 231 -3.11 -36.01 -11.83
N LEU B 232 -1.92 -35.92 -11.22
CA LEU B 232 -0.74 -35.40 -11.92
C LEU B 232 -0.28 -36.25 -13.09
N ASP B 233 -0.37 -37.56 -12.94
CA ASP B 233 0.07 -38.45 -14.01
C ASP B 233 -0.85 -38.38 -15.22
N ALA B 234 -2.16 -38.27 -14.95
CA ALA B 234 -3.11 -38.10 -16.01
C ALA B 234 -2.77 -36.79 -16.81
N ALA B 235 -2.59 -35.67 -16.10
CA ALA B 235 -2.29 -34.43 -16.77
C ALA B 235 -1.04 -34.47 -17.60
N ARG B 236 0.01 -35.02 -17.02
CA ARG B 236 1.26 -35.19 -17.72
C ARG B 236 1.13 -36.02 -18.98
N ALA B 237 0.44 -37.15 -18.89
CA ALA B 237 0.18 -37.95 -20.10
C ALA B 237 -0.49 -37.13 -21.25
N VAL B 238 -1.47 -36.31 -20.90
CA VAL B 238 -2.21 -35.60 -21.96
C VAL B 238 -1.31 -34.52 -22.63
N LEU B 239 -0.52 -33.84 -21.78
CA LEU B 239 0.48 -32.89 -22.24
C LEU B 239 1.55 -33.61 -23.07
N ASP B 240 2.00 -34.78 -22.61
CA ASP B 240 2.93 -35.63 -23.40
C ASP B 240 2.40 -36.08 -24.76
N ALA B 241 1.07 -35.98 -24.97
CA ALA B 241 0.41 -36.38 -26.25
C ALA B 241 0.37 -35.21 -27.23
N ALA B 242 0.83 -34.02 -26.81
CA ALA B 242 0.78 -32.84 -27.64
C ALA B 242 2.15 -32.50 -28.22
N PRO B 243 2.20 -32.21 -29.52
CA PRO B 243 3.45 -31.72 -30.09
C PRO B 243 3.62 -30.20 -29.91
N GLY B 244 4.85 -29.76 -29.74
CA GLY B 244 5.23 -28.33 -29.78
C GLY B 244 4.77 -27.58 -28.53
N VAL B 245 4.55 -28.32 -27.44
CA VAL B 245 4.00 -27.72 -26.21
C VAL B 245 5.07 -27.85 -25.15
N ALA B 246 5.83 -26.78 -24.91
CA ALA B 246 6.96 -26.81 -24.03
C ALA B 246 6.50 -26.45 -22.61
N VAL B 247 6.32 -27.44 -21.74
CA VAL B 247 5.70 -27.15 -20.41
C VAL B 247 6.72 -26.50 -19.46
N ASP B 248 6.37 -25.33 -18.92
CA ASP B 248 7.28 -24.63 -18.02
C ASP B 248 6.99 -25.12 -16.60
N TYR B 249 5.72 -25.30 -16.21
CA TYR B 249 5.47 -26.02 -14.93
C TYR B 249 4.11 -26.70 -15.00
N LEU B 250 3.91 -27.68 -14.11
CA LEU B 250 2.59 -28.31 -13.93
C LEU B 250 2.58 -28.60 -12.43
N GLU B 251 1.69 -27.94 -11.69
CA GLU B 251 1.81 -27.85 -10.22
C GLU B 251 0.48 -27.88 -9.52
N LEU B 252 0.36 -28.83 -8.62
CA LEU B 252 -0.76 -28.94 -7.73
C LEU B 252 -0.38 -28.30 -6.41
N ARG B 253 -1.21 -27.33 -6.04
CA ARG B 253 -1.00 -26.55 -4.84
C ARG B 253 -2.25 -26.54 -3.99
N ASP B 254 -2.12 -26.02 -2.77
CA ASP B 254 -3.30 -25.74 -1.97
C ASP B 254 -4.08 -24.57 -2.63
N ILE B 255 -5.30 -24.32 -2.19
CA ILE B 255 -6.12 -23.21 -2.70
C ILE B 255 -5.40 -21.87 -2.64
N GLY B 256 -4.61 -21.67 -1.59
CA GLY B 256 -3.90 -20.41 -1.48
C GLY B 256 -2.56 -20.46 -2.16
N LEU B 257 -2.18 -21.60 -2.73
CA LEU B 257 -0.90 -21.79 -3.43
C LEU B 257 0.32 -22.16 -2.55
N GLY B 258 0.03 -22.53 -1.30
CA GLY B 258 1.05 -23.13 -0.44
C GLY B 258 1.11 -24.61 -0.86
N PRO B 259 1.87 -25.43 -0.12
CA PRO B 259 1.99 -26.82 -0.53
C PRO B 259 0.66 -27.55 -0.45
N MET B 260 0.44 -28.47 -1.40
CA MET B 260 -0.83 -29.20 -1.51
C MET B 260 -1.04 -30.07 -0.28
N PRO B 261 -2.19 -29.92 0.41
CA PRO B 261 -2.38 -30.80 1.56
C PRO B 261 -2.55 -32.30 1.15
N LEU B 262 -2.61 -33.20 2.13
CA LEU B 262 -2.85 -34.63 1.87
C LEU B 262 -4.22 -34.95 1.20
N ASN B 263 -5.31 -34.53 1.83
CA ASN B 263 -6.61 -34.55 1.16
C ASN B 263 -7.18 -33.14 1.19
N GLY B 264 -8.31 -32.93 0.54
CA GLY B 264 -8.89 -31.61 0.59
C GLY B 264 -8.53 -30.91 -0.69
N SER B 265 -8.91 -29.64 -0.72
CA SER B 265 -9.00 -28.85 -1.92
C SER B 265 -7.70 -28.37 -2.40
N GLY B 266 -7.62 -28.22 -3.71
CA GLY B 266 -6.39 -27.91 -4.35
C GLY B 266 -6.64 -27.15 -5.62
N ARG B 267 -5.57 -26.73 -6.25
CA ARG B 267 -5.65 -26.08 -7.53
C ARG B 267 -4.52 -26.62 -8.33
N LEU B 268 -4.79 -27.04 -9.57
CA LEU B 268 -3.69 -27.55 -10.38
C LEU B 268 -3.36 -26.46 -11.41
N LEU B 269 -2.07 -26.06 -11.52
CA LEU B 269 -1.77 -24.98 -12.49
C LEU B 269 -0.79 -25.43 -13.58
N VAL B 270 -0.89 -24.82 -14.75
CA VAL B 270 0.11 -25.19 -15.79
C VAL B 270 0.39 -24.02 -16.63
N ALA B 271 1.59 -24.03 -17.18
CA ALA B 271 1.95 -23.03 -18.14
C ALA B 271 2.92 -23.65 -19.12
N ALA B 272 2.88 -23.18 -20.35
CA ALA B 272 3.62 -23.87 -21.42
C ALA B 272 3.84 -22.88 -22.53
N ARG B 273 4.91 -23.08 -23.29
N ARG B 273 4.87 -23.11 -23.33
CA ARG B 273 5.08 -22.23 -24.46
CA ARG B 273 5.12 -22.17 -24.42
C ARG B 273 4.77 -22.98 -25.73
C ARG B 273 4.97 -22.84 -25.79
N LEU B 274 4.06 -22.30 -26.62
CA LEU B 274 3.74 -22.82 -27.94
C LEU B 274 4.35 -21.83 -28.90
N GLY B 275 5.56 -22.17 -29.37
CA GLY B 275 6.31 -21.26 -30.25
C GLY B 275 6.86 -20.09 -29.43
N THR B 276 6.35 -18.88 -29.69
CA THR B 276 6.79 -17.74 -28.86
C THR B 276 5.66 -17.33 -27.91
N THR B 277 4.51 -18.03 -28.02
CA THR B 277 3.33 -17.66 -27.21
C THR B 277 3.29 -18.49 -25.88
N ARG B 278 3.24 -17.81 -24.73
CA ARG B 278 3.07 -18.45 -23.41
C ARG B 278 1.58 -18.53 -23.02
N LEU B 279 1.09 -19.75 -22.70
CA LEU B 279 -0.28 -19.95 -22.26
C LEU B 279 -0.33 -20.50 -20.86
N LEU B 280 -1.36 -20.08 -20.13
CA LEU B 280 -1.64 -20.54 -18.74
C LEU B 280 -3.00 -21.16 -18.62
N ASP B 281 -3.17 -22.11 -17.71
CA ASP B 281 -4.48 -22.52 -17.36
C ASP B 281 -4.33 -23.10 -15.96
N ASN B 282 -5.46 -23.24 -15.31
CA ASN B 282 -5.49 -23.80 -13.95
C ASN B 282 -6.86 -24.36 -13.67
N ILE B 283 -6.98 -25.23 -12.67
CA ILE B 283 -8.28 -25.79 -12.40
C ILE B 283 -8.38 -26.21 -10.94
N ALA B 284 -9.60 -26.18 -10.44
CA ALA B 284 -9.90 -26.69 -9.08
C ALA B 284 -9.70 -28.18 -9.04
N ILE B 285 -9.17 -28.70 -7.95
CA ILE B 285 -8.98 -30.12 -7.80
C ILE B 285 -9.38 -30.52 -6.34
N GLU B 286 -10.02 -31.67 -6.14
CA GLU B 286 -10.36 -32.17 -4.78
C GLU B 286 -9.76 -33.56 -4.76
N ILE B 287 -8.90 -33.84 -3.78
CA ILE B 287 -8.25 -35.14 -3.72
C ILE B 287 -9.09 -36.30 -3.12
N GLY B 288 -9.29 -37.37 -3.91
CA GLY B 288 -10.17 -38.48 -3.56
C GLY B 288 -11.63 -38.01 -3.44
N THR B 289 -12.04 -37.27 -4.48
CA THR B 289 -13.32 -36.54 -4.62
C THR B 289 -13.18 -35.79 -5.98
#